data_6F9U
#
_entry.id   6F9U
#
_cell.length_a   56.316
_cell.length_b   85.861
_cell.length_c   133.233
_cell.angle_alpha   90.00
_cell.angle_beta   90.00
_cell.angle_gamma   90.00
#
_symmetry.space_group_name_H-M   'P 21 21 21'
#
loop_
_entity.id
_entity.type
_entity.pdbx_description
1 polymer 'Angiotensin-converting enzyme'
2 branched alpha-D-mannopyranose-(1-6)-beta-D-mannopyranose-(1-4)-2-acetamido-2-deoxy-beta-D-glucopyranose-(1-4)-[alpha-L-fucopyranose-(1-6)]2-acetamido-2-deoxy-beta-D-glucopyranose
3 non-polymer 2-acetamido-2-deoxy-beta-D-glucopyranose
4 non-polymer 'ZINC ION'
5 non-polymer 'CHLORIDE ION'
6 non-polymer 'PENTAETHYLENE GLYCOL'
7 non-polymer Sampatrilat-Asp
8 non-polymer 'BORIC ACID'
9 non-polymer IMIDAZOLE
10 non-polymer 1,2-ETHANEDIOL
11 non-polymer DI(HYDROXYETHYL)ETHER
12 water water
#
_entity_poly.entity_id   1
_entity_poly.type   'polypeptide(L)'
_entity_poly.pdbx_seq_one_letter_code
;LVTDEAEASKFVEEYDRTSQVVWNEYAGANWNYNTNITTETSKILLQKNMQIAQHTLKYGTQARKFDVNQLQNTTIKRII
KKVQDLERAALPAQELEEYNKILLDMETTYSVATVCHPQGSCLQLEPDLTNVMATSRKYEDLLWAWEGWRDKAGRAILQF
YPKYVELINQAARLNGYVDAGDSWRSMYETPSLEQDLERLFQELQPLYLNLHAYVRRALHRHYGAQHINLEGPIPAHLLG
NMWAQTWSNIYDLVVPFPSAPSMDTTEAMLKQGWTPRRMFKEADDFFTSLGLLPVPPEFWQKSMLEKPTDGREVVCHASA
WDFYNGKDFRIKQCTTVNLEDLVVAHHEMGHIQYFMQYKDLPVALREGANPGFHEAIGDVLALSVSTPKHLHSLNLLSSE
GGSDEHDINFLMKMALDKIAFIPFSYLVDQWRWRVFDGSITKENYNQEWWSLRLKYQGLCPPVPRTQGDFDPGAKFHIPS
SVPYIRYFVSFIIQFQFHEALCQAAGHTGPLHKCDIYQSKEAGQRLATAMKLGFSRPWPEAMQLITGQPQMSASAMLSYF
KPLLDWLRTENELHGEKLGWPQYNWTPNSAR
;
_entity_poly.pdbx_strand_id   A
#
# COMPACT_ATOMS: atom_id res chain seq x y z
N ASP A 4 -41.53 -6.41 -9.14
CA ASP A 4 -40.48 -6.60 -8.15
C ASP A 4 -39.11 -6.66 -8.84
N GLU A 5 -38.89 -7.72 -9.62
CA GLU A 5 -37.64 -7.86 -10.34
C GLU A 5 -37.46 -6.75 -11.36
N ALA A 6 -38.56 -6.25 -11.94
CA ALA A 6 -38.47 -5.17 -12.92
C ALA A 6 -38.21 -3.84 -12.25
N GLU A 7 -38.79 -3.61 -11.08
CA GLU A 7 -38.50 -2.38 -10.36
C GLU A 7 -37.03 -2.33 -9.96
N ALA A 8 -36.48 -3.47 -9.53
CA ALA A 8 -35.09 -3.50 -9.09
C ALA A 8 -34.12 -3.24 -10.24
N SER A 9 -34.41 -3.80 -11.42
CA SER A 9 -33.55 -3.58 -12.57
C SER A 9 -33.58 -2.12 -13.02
N LYS A 10 -34.76 -1.50 -13.00
CA LYS A 10 -34.83 -0.08 -13.35
C LYS A 10 -34.10 0.77 -12.30
N PHE A 11 -34.20 0.38 -11.04
CA PHE A 11 -33.50 1.13 -10.00
C PHE A 11 -32.00 1.13 -10.22
N VAL A 12 -31.42 -0.04 -10.51
CA VAL A 12 -29.96 -0.08 -10.65
C VAL A 12 -29.52 0.74 -11.84
N GLU A 13 -30.33 0.79 -12.91
CA GLU A 13 -30.00 1.63 -14.06
C GLU A 13 -30.01 3.11 -13.69
N GLU A 14 -31.00 3.54 -12.91
CA GLU A 14 -31.06 4.93 -12.48
C GLU A 14 -29.88 5.27 -11.58
N TYR A 15 -29.58 4.40 -10.62
CA TYR A 15 -28.41 4.60 -9.77
C TYR A 15 -27.14 4.77 -10.60
N ASP A 16 -26.99 3.94 -11.63
CA ASP A 16 -25.74 3.98 -12.40
C ASP A 16 -25.61 5.28 -13.20
N ARG A 17 -26.72 5.77 -13.76
CA ARG A 17 -26.67 7.01 -14.54
C ARG A 17 -26.29 8.20 -13.68
N THR A 18 -26.96 8.33 -12.53
CA THR A 18 -26.78 9.51 -11.69
C THR A 18 -25.47 9.45 -10.90
N SER A 19 -25.03 8.25 -10.51
CA SER A 19 -23.78 8.10 -9.79
C SER A 19 -22.58 8.55 -10.62
N GLN A 20 -22.54 8.15 -11.90
CA GLN A 20 -21.48 8.59 -12.78
C GLN A 20 -21.33 10.11 -12.75
N VAL A 21 -22.43 10.83 -12.92
CA VAL A 21 -22.37 12.29 -12.97
C VAL A 21 -21.86 12.84 -11.65
N VAL A 22 -22.49 12.43 -10.54
CA VAL A 22 -22.13 12.99 -9.23
C VAL A 22 -20.72 12.57 -8.83
N TRP A 23 -20.35 11.32 -9.06
CA TRP A 23 -19.02 10.85 -8.65
C TRP A 23 -17.94 11.56 -9.45
N ASN A 24 -18.19 11.78 -10.74
CA ASN A 24 -17.24 12.54 -11.53
C ASN A 24 -17.03 13.94 -10.95
N GLU A 25 -18.10 14.62 -10.54
CA GLU A 25 -17.94 15.94 -9.96
C GLU A 25 -17.14 15.90 -8.68
N TYR A 26 -17.40 14.90 -7.83
CA TYR A 26 -16.67 14.84 -6.58
C TYR A 26 -15.18 14.61 -6.83
N ALA A 27 -14.86 13.75 -7.79
CA ALA A 27 -13.47 13.45 -8.09
C ALA A 27 -12.72 14.71 -8.51
N GLY A 28 -13.38 15.57 -9.30
CA GLY A 28 -12.75 16.82 -9.72
C GLY A 28 -12.41 17.74 -8.56
N ALA A 29 -13.36 17.93 -7.65
CA ALA A 29 -13.07 18.80 -6.52
C ALA A 29 -12.02 18.20 -5.61
N ASN A 30 -12.03 16.87 -5.44
CA ASN A 30 -11.03 16.22 -4.61
C ASN A 30 -9.65 16.36 -5.25
N TRP A 31 -9.59 16.19 -6.57
CA TRP A 31 -8.32 16.34 -7.29
C TRP A 31 -7.78 17.75 -7.11
N ASN A 32 -8.65 18.75 -7.27
CA ASN A 32 -8.20 20.14 -7.23
C ASN A 32 -7.65 20.50 -5.86
N TYR A 33 -8.27 20.02 -4.79
CA TYR A 33 -7.68 20.20 -3.46
C TYR A 33 -6.37 19.43 -3.32
N ASN A 34 -6.34 18.17 -3.75
CA ASN A 34 -5.14 17.33 -3.58
C ASN A 34 -3.93 17.91 -4.30
N THR A 35 -4.14 18.55 -5.46
CA THR A 35 -3.07 19.15 -6.24
C THR A 35 -2.92 20.66 -6.02
N ASN A 36 -3.65 21.22 -5.06
CA ASN A 36 -3.64 22.67 -4.85
C ASN A 36 -4.34 22.96 -3.53
N ILE A 37 -3.63 22.78 -2.43
CA ILE A 37 -4.21 22.88 -1.09
C ILE A 37 -4.39 24.36 -0.76
N THR A 38 -5.64 24.80 -0.70
CA THR A 38 -5.96 26.17 -0.37
C THR A 38 -7.28 26.18 0.42
N THR A 39 -7.54 27.28 1.10
CA THR A 39 -8.82 27.42 1.78
C THR A 39 -9.97 27.29 0.79
N GLU A 40 -9.86 27.89 -0.40
CA GLU A 40 -10.94 27.83 -1.38
C GLU A 40 -11.21 26.39 -1.82
N THR A 41 -10.19 25.71 -2.38
CA THR A 41 -10.40 24.35 -2.85
C THR A 41 -10.91 23.45 -1.74
N SER A 42 -10.43 23.67 -0.50
CA SER A 42 -10.92 22.85 0.61
C SER A 42 -12.38 23.16 0.92
N LYS A 43 -12.80 24.42 0.74
CA LYS A 43 -14.20 24.77 0.95
C LYS A 43 -15.10 24.14 -0.11
N ILE A 44 -14.66 24.14 -1.37
CA ILE A 44 -15.45 23.51 -2.42
C ILE A 44 -15.52 22.01 -2.22
N LEU A 45 -14.42 21.41 -1.76
CA LEU A 45 -14.43 19.97 -1.52
C LEU A 45 -15.47 19.61 -0.47
N LEU A 46 -15.43 20.29 0.68
CA LEU A 46 -16.41 20.03 1.73
C LEU A 46 -17.84 20.21 1.20
N GLN A 47 -18.04 21.20 0.32
CA GLN A 47 -19.37 21.40 -0.27
C GLN A 47 -19.76 20.24 -1.16
N LYS A 48 -18.85 19.80 -2.03
CA LYS A 48 -19.14 18.65 -2.88
C LYS A 48 -19.36 17.40 -2.06
N ASN A 49 -18.73 17.31 -0.89
CA ASN A 49 -18.98 16.17 -0.01
C ASN A 49 -20.46 16.10 0.34
N MET A 50 -21.06 17.22 0.73
CA MET A 50 -22.46 17.21 1.10
C MET A 50 -23.35 16.91 -0.10
N GLN A 51 -22.92 17.28 -1.31
CA GLN A 51 -23.68 16.96 -2.50
C GLN A 51 -23.73 15.46 -2.76
N ILE A 52 -22.57 14.80 -2.70
CA ILE A 52 -22.53 13.36 -2.96
C ILE A 52 -23.23 12.60 -1.83
N ALA A 53 -23.19 13.12 -0.61
CA ALA A 53 -23.93 12.48 0.47
C ALA A 53 -25.44 12.57 0.26
N GLN A 54 -25.93 13.66 -0.35
CA GLN A 54 -27.35 13.73 -0.66
C GLN A 54 -27.74 12.71 -1.71
N HIS A 55 -26.88 12.52 -2.72
CA HIS A 55 -27.13 11.46 -3.69
C HIS A 55 -27.12 10.09 -3.01
N THR A 56 -26.11 9.84 -2.18
CA THR A 56 -26.02 8.56 -1.50
C THR A 56 -27.24 8.30 -0.64
N LEU A 57 -27.68 9.30 0.11
CA LEU A 57 -28.83 9.14 0.98
C LEU A 57 -30.10 8.85 0.18
N LYS A 58 -30.32 9.61 -0.90
CA LYS A 58 -31.50 9.39 -1.74
C LYS A 58 -31.56 7.95 -2.26
N TYR A 59 -30.49 7.49 -2.89
CA TYR A 59 -30.53 6.18 -3.53
C TYR A 59 -30.37 5.05 -2.51
N GLY A 60 -29.57 5.27 -1.47
CA GLY A 60 -29.47 4.26 -0.42
C GLY A 60 -30.79 4.04 0.30
N THR A 61 -31.55 5.11 0.51
CA THR A 61 -32.86 4.97 1.13
C THR A 61 -33.79 4.15 0.25
N GLN A 62 -33.81 4.44 -1.06
CA GLN A 62 -34.62 3.64 -1.98
C GLN A 62 -34.16 2.20 -2.00
N ALA A 63 -32.84 1.97 -2.04
CA ALA A 63 -32.34 0.61 -2.17
C ALA A 63 -32.75 -0.27 -1.01
N ARG A 64 -32.86 0.31 0.19
CA ARG A 64 -33.20 -0.46 1.38
C ARG A 64 -34.66 -0.88 1.40
N LYS A 65 -35.47 -0.42 0.45
CA LYS A 65 -36.85 -0.84 0.37
C LYS A 65 -37.02 -2.08 -0.50
N PHE A 66 -35.95 -2.54 -1.13
CA PHE A 66 -35.96 -3.81 -1.83
C PHE A 66 -35.55 -4.89 -0.84
N ASP A 67 -36.43 -5.86 -0.63
CA ASP A 67 -36.05 -7.10 0.04
C ASP A 67 -35.20 -7.90 -0.92
N VAL A 68 -33.87 -7.77 -0.78
CA VAL A 68 -32.96 -8.49 -1.66
C VAL A 68 -33.29 -9.97 -1.67
N ASN A 69 -33.89 -10.47 -0.59
CA ASN A 69 -34.21 -11.89 -0.49
C ASN A 69 -35.11 -12.33 -1.64
N GLN A 70 -36.03 -11.47 -2.08
CA GLN A 70 -37.00 -11.82 -3.11
C GLN A 70 -36.47 -11.55 -4.52
N LEU A 71 -35.19 -11.27 -4.69
CA LEU A 71 -34.63 -10.94 -5.99
C LEU A 71 -34.00 -12.16 -6.61
N GLN A 72 -34.27 -12.36 -7.89
CA GLN A 72 -33.78 -13.53 -8.62
C GLN A 72 -32.38 -13.29 -9.16
N ASN A 73 -32.21 -12.21 -9.93
CA ASN A 73 -30.93 -11.94 -10.57
C ASN A 73 -29.88 -11.60 -9.53
N THR A 74 -28.72 -12.24 -9.62
CA THR A 74 -27.71 -12.08 -8.58
C THR A 74 -26.76 -10.91 -8.84
N THR A 75 -26.63 -10.45 -10.08
CA THR A 75 -25.89 -9.21 -10.30
C THR A 75 -26.66 -8.01 -9.76
N ILE A 76 -27.99 -8.03 -9.87
CA ILE A 76 -28.82 -6.95 -9.36
C ILE A 76 -28.93 -7.03 -7.83
N LYS A 77 -28.98 -8.24 -7.28
CA LYS A 77 -28.88 -8.42 -5.83
C LYS A 77 -27.63 -7.77 -5.30
N ARG A 78 -26.52 -7.99 -5.97
CA ARG A 78 -25.22 -7.54 -5.52
C ARG A 78 -25.11 -6.01 -5.53
N ILE A 79 -25.59 -5.39 -6.60
CA ILE A 79 -25.57 -3.93 -6.68
C ILE A 79 -26.44 -3.33 -5.60
N ILE A 80 -27.67 -3.82 -5.46
CA ILE A 80 -28.59 -3.22 -4.51
C ILE A 80 -28.07 -3.37 -3.09
N LYS A 81 -27.52 -4.54 -2.75
CA LYS A 81 -26.96 -4.75 -1.42
C LYS A 81 -25.88 -3.73 -1.10
N LYS A 82 -25.04 -3.41 -2.08
CA LYS A 82 -23.99 -2.43 -1.87
C LYS A 82 -24.56 -1.02 -1.70
N VAL A 83 -25.59 -0.67 -2.49
CA VAL A 83 -26.15 0.67 -2.37
C VAL A 83 -26.86 0.88 -1.04
N GLN A 84 -27.31 -0.19 -0.39
CA GLN A 84 -27.93 -0.07 0.92
C GLN A 84 -26.96 0.41 2.00
N ASP A 85 -25.65 0.35 1.73
CA ASP A 85 -24.62 0.84 2.65
C ASP A 85 -24.34 2.31 2.31
N LEU A 86 -24.79 3.21 3.19
CA LEU A 86 -24.64 4.64 2.97
C LEU A 86 -23.26 5.16 3.35
N GLU A 87 -22.48 4.38 4.08
CA GLU A 87 -21.19 4.84 4.61
C GLU A 87 -21.46 6.10 5.43
N ARG A 88 -20.65 7.15 5.29
CA ARG A 88 -20.82 8.31 6.17
C ARG A 88 -22.14 9.04 5.96
N ALA A 89 -22.77 8.88 4.80
CA ALA A 89 -24.04 9.56 4.54
C ALA A 89 -25.16 9.07 5.45
N ALA A 90 -24.95 7.99 6.20
CA ALA A 90 -25.91 7.60 7.23
C ALA A 90 -25.88 8.53 8.43
N LEU A 91 -24.84 9.34 8.59
CA LEU A 91 -24.74 10.17 9.77
C LEU A 91 -25.74 11.33 9.70
N PRO A 92 -26.26 11.78 10.85
CA PRO A 92 -26.97 13.06 10.88
C PRO A 92 -26.13 14.18 10.28
N ALA A 93 -26.84 15.17 9.71
CA ALA A 93 -26.18 16.26 9.01
C ALA A 93 -25.08 16.88 9.84
N GLN A 94 -25.33 17.11 11.13
CA GLN A 94 -24.35 17.77 11.99
C GLN A 94 -23.08 16.94 12.11
N GLU A 95 -23.24 15.65 12.42
CA GLU A 95 -22.09 14.77 12.58
C GLU A 95 -21.37 14.51 11.26
N LEU A 96 -22.10 14.49 10.14
CA LEU A 96 -21.46 14.31 8.84
C LEU A 96 -20.54 15.48 8.52
N GLU A 97 -21.02 16.70 8.77
CA GLU A 97 -20.19 17.88 8.53
C GLU A 97 -18.94 17.84 9.41
N GLU A 98 -19.09 17.46 10.67
CA GLU A 98 -17.96 17.38 11.58
C GLU A 98 -16.99 16.29 11.14
N TYR A 99 -17.52 15.12 10.75
CA TYR A 99 -16.66 14.03 10.27
C TYR A 99 -15.85 14.48 9.05
N ASN A 100 -16.49 15.08 8.07
CA ASN A 100 -15.77 15.49 6.86
C ASN A 100 -14.70 16.52 7.19
N LYS A 101 -14.95 17.37 8.17
CA LYS A 101 -13.96 18.38 8.53
C LYS A 101 -12.80 17.75 9.28
N ILE A 102 -13.08 16.78 10.14
CA ILE A 102 -12.02 16.05 10.83
C ILE A 102 -11.11 15.36 9.81
N LEU A 103 -11.69 14.67 8.83
CA LEU A 103 -10.87 13.98 7.84
C LEU A 103 -9.99 14.97 7.07
N LEU A 104 -10.57 16.09 6.66
CA LEU A 104 -9.78 17.05 5.90
C LEU A 104 -8.70 17.67 6.77
N ASP A 105 -9.00 17.91 8.05
CA ASP A 105 -8.00 18.46 8.94
C ASP A 105 -6.85 17.49 9.15
N MET A 106 -7.17 16.19 9.33
CA MET A 106 -6.10 15.22 9.55
C MET A 106 -5.21 15.12 8.32
N GLU A 107 -5.82 15.01 7.14
CA GLU A 107 -5.05 14.91 5.90
C GLU A 107 -4.17 16.12 5.72
N THR A 108 -4.75 17.31 5.87
CA THR A 108 -3.98 18.53 5.66
C THR A 108 -2.83 18.62 6.64
N THR A 109 -3.09 18.33 7.92
CA THR A 109 -2.05 18.37 8.93
C THR A 109 -0.87 17.48 8.53
N TYR A 110 -1.15 16.27 8.08
CA TYR A 110 -0.08 15.36 7.71
C TYR A 110 0.68 15.88 6.49
N SER A 111 -0.05 16.39 5.50
CA SER A 111 0.56 16.72 4.22
C SER A 111 1.43 17.98 4.30
N VAL A 112 1.20 18.86 5.27
CA VAL A 112 1.97 20.09 5.36
C VAL A 112 2.97 20.10 6.51
N ALA A 113 3.03 19.04 7.31
CA ALA A 113 3.95 19.04 8.44
C ALA A 113 5.39 19.11 7.95
N THR A 114 6.24 19.73 8.76
CA THR A 114 7.65 19.90 8.43
C THR A 114 8.49 19.75 9.69
N VAL A 115 9.77 19.42 9.51
CA VAL A 115 10.71 19.21 10.62
C VAL A 115 11.87 20.16 10.43
N CYS A 116 12.14 20.98 11.43
CA CYS A 116 13.02 22.14 11.29
C CYS A 116 14.22 22.04 12.21
N HIS A 117 15.37 22.49 11.71
CA HIS A 117 16.50 22.83 12.56
C HIS A 117 16.28 24.20 13.19
N PRO A 118 16.81 24.44 14.38
CA PRO A 118 16.67 25.78 14.97
C PRO A 118 17.56 26.76 14.25
N GLN A 119 16.97 27.87 13.83
CA GLN A 119 17.67 28.86 12.99
C GLN A 119 18.14 28.26 11.67
N GLY A 120 17.50 27.18 11.22
CA GLY A 120 17.94 26.51 10.02
C GLY A 120 16.82 26.18 9.06
N SER A 121 17.06 25.22 8.17
CA SER A 121 16.11 24.87 7.13
C SER A 121 15.03 23.95 7.68
N CYS A 122 13.91 23.89 6.96
CA CYS A 122 12.77 23.07 7.33
C CYS A 122 12.56 22.02 6.24
N LEU A 123 12.37 20.78 6.65
CA LEU A 123 12.29 19.65 5.74
C LEU A 123 10.87 19.12 5.71
N GLN A 124 10.35 18.87 4.51
CA GLN A 124 9.10 18.15 4.34
C GLN A 124 9.39 16.66 4.21
N LEU A 125 8.35 15.84 4.37
CA LEU A 125 8.53 14.39 4.35
C LEU A 125 9.04 13.93 3.00
N GLU A 126 8.42 14.38 1.92
CA GLU A 126 8.83 14.02 0.59
C GLU A 126 9.39 15.26 -0.10
N PRO A 127 10.65 15.25 -0.60
CA PRO A 127 11.62 14.14 -0.62
C PRO A 127 12.61 14.19 0.54
N ASP A 128 12.59 15.27 1.32
CA ASP A 128 13.72 15.61 2.18
C ASP A 128 13.94 14.57 3.27
N LEU A 129 12.95 14.35 4.13
CA LEU A 129 13.12 13.39 5.24
C LEU A 129 13.22 11.96 4.72
N THR A 130 12.47 11.64 3.66
CA THR A 130 12.60 10.33 3.02
C THR A 130 14.04 10.10 2.56
N ASN A 131 14.67 11.14 2.02
CA ASN A 131 16.06 11.01 1.59
C ASN A 131 16.99 10.79 2.79
N VAL A 132 16.79 11.54 3.88
CA VAL A 132 17.63 11.33 5.07
C VAL A 132 17.53 9.88 5.53
N MET A 133 16.30 9.37 5.71
CA MET A 133 16.14 8.00 6.19
C MET A 133 16.78 7.00 5.24
N ALA A 134 16.73 7.27 3.94
CA ALA A 134 17.26 6.32 2.95
C ALA A 134 18.79 6.31 2.87
N THR A 135 19.45 7.46 3.06
CA THR A 135 20.89 7.57 2.77
C THR A 135 21.77 7.87 3.95
N SER A 136 21.27 8.51 5.00
CA SER A 136 22.12 8.76 6.16
C SER A 136 22.52 7.44 6.84
N ARG A 137 23.76 7.37 7.29
CA ARG A 137 24.28 6.24 8.05
C ARG A 137 24.81 6.70 9.41
N LYS A 138 24.32 7.82 9.89
CA LYS A 138 24.66 8.35 11.20
C LYS A 138 23.47 8.19 12.13
N TYR A 139 23.68 7.46 13.23
CA TYR A 139 22.61 7.14 14.17
C TYR A 139 21.84 8.40 14.59
N GLU A 140 22.57 9.47 14.90
CA GLU A 140 21.96 10.68 15.45
C GLU A 140 21.15 11.43 14.40
N ASP A 141 21.61 11.45 13.15
CA ASP A 141 20.86 12.16 12.12
C ASP A 141 19.58 11.42 11.76
N LEU A 142 19.66 10.10 11.68
CA LEU A 142 18.47 9.28 11.47
C LEU A 142 17.50 9.48 12.62
N LEU A 143 18.02 9.65 13.83
CA LEU A 143 17.17 9.78 14.98
C LEU A 143 16.47 11.11 14.97
N TRP A 144 17.17 12.16 14.55
CA TRP A 144 16.58 13.48 14.45
C TRP A 144 15.37 13.46 13.51
N ALA A 145 15.52 12.85 12.34
CA ALA A 145 14.42 12.77 11.37
C ALA A 145 13.29 11.89 11.86
N TRP A 146 13.62 10.73 12.46
CA TRP A 146 12.60 9.77 12.88
C TRP A 146 11.74 10.37 13.98
N GLU A 147 12.38 10.90 15.02
CA GLU A 147 11.69 11.52 16.15
C GLU A 147 11.01 12.81 15.73
N GLY A 148 11.68 13.63 14.93
CA GLY A 148 11.10 14.90 14.53
C GLY A 148 9.80 14.74 13.76
N TRP A 149 9.76 13.78 12.85
CA TRP A 149 8.53 13.55 12.09
C TRP A 149 7.39 13.14 13.01
N ARG A 150 7.66 12.25 13.95
CA ARG A 150 6.61 11.80 14.86
C ARG A 150 6.19 12.93 15.80
N ASP A 151 7.13 13.78 16.21
CA ASP A 151 6.80 14.91 17.06
C ASP A 151 5.90 15.90 16.33
N LYS A 152 6.18 16.16 15.05
CA LYS A 152 5.42 17.18 14.32
C LYS A 152 4.17 16.63 13.65
N ALA A 153 4.26 15.45 13.03
CA ALA A 153 3.10 14.88 12.35
C ALA A 153 2.23 14.06 13.29
N GLY A 154 2.82 13.05 13.94
CA GLY A 154 2.04 12.17 14.79
C GLY A 154 1.36 12.89 15.94
N ARG A 155 2.11 13.70 16.68
CA ARG A 155 1.49 14.35 17.84
C ARG A 155 0.36 15.28 17.42
N ALA A 156 0.46 15.89 16.24
CA ALA A 156 -0.57 16.82 15.77
C ALA A 156 -1.86 16.11 15.36
N ILE A 157 -1.80 14.82 15.03
CA ILE A 157 -3.03 14.11 14.64
C ILE A 157 -3.81 13.65 15.85
N LEU A 158 -3.16 13.47 17.00
CA LEU A 158 -3.81 12.86 18.15
C LEU A 158 -5.07 13.60 18.57
N GLN A 159 -5.09 14.94 18.42
CA GLN A 159 -6.26 15.69 18.86
C GLN A 159 -7.51 15.29 18.09
N PHE A 160 -7.35 14.79 16.85
CA PHE A 160 -8.48 14.48 15.98
C PHE A 160 -8.94 13.03 16.09
N TYR A 161 -8.06 12.11 16.46
CA TYR A 161 -8.32 10.70 16.17
C TYR A 161 -9.46 10.08 17.00
N PRO A 162 -9.57 10.34 18.30
CA PRO A 162 -10.70 9.76 19.05
C PRO A 162 -12.05 10.14 18.47
N LYS A 163 -12.23 11.37 18.01
CA LYS A 163 -13.52 11.77 17.48
C LYS A 163 -13.77 11.14 16.12
N TYR A 164 -12.74 11.11 15.27
CA TYR A 164 -12.79 10.33 14.04
C TYR A 164 -13.28 8.90 14.30
N VAL A 165 -12.69 8.23 15.30
CA VAL A 165 -13.04 6.85 15.58
C VAL A 165 -14.52 6.75 15.97
N GLU A 166 -14.98 7.67 16.82
CA GLU A 166 -16.38 7.66 17.23
C GLU A 166 -17.29 7.81 16.03
N LEU A 167 -16.97 8.75 15.15
CA LEU A 167 -17.85 9.04 14.02
C LEU A 167 -17.80 7.93 12.98
N ILE A 168 -16.62 7.36 12.72
CA ILE A 168 -16.59 6.33 11.68
C ILE A 168 -17.26 5.05 12.17
N ASN A 169 -17.16 4.75 13.47
CA ASN A 169 -17.90 3.61 14.02
C ASN A 169 -19.40 3.85 14.00
N GLN A 170 -19.81 5.08 14.34
CA GLN A 170 -21.24 5.37 14.36
C GLN A 170 -21.85 5.18 12.98
N ALA A 171 -21.16 5.63 11.94
CA ALA A 171 -21.65 5.41 10.59
C ALA A 171 -21.72 3.93 10.27
N ALA A 172 -20.73 3.15 10.70
CA ALA A 172 -20.74 1.71 10.43
C ALA A 172 -21.93 1.03 11.11
N ARG A 173 -22.22 1.38 12.36
CA ARG A 173 -23.39 0.80 13.02
C ARG A 173 -24.68 1.21 12.30
N LEU A 174 -24.77 2.46 11.86
CA LEU A 174 -25.96 2.88 11.13
C LEU A 174 -26.10 2.14 9.80
N ASN A 175 -25.06 1.45 9.34
CA ASN A 175 -25.14 0.66 8.13
C ASN A 175 -25.20 -0.84 8.39
N GLY A 176 -25.39 -1.26 9.64
CA GLY A 176 -25.58 -2.66 9.97
C GLY A 176 -24.35 -3.41 10.44
N TYR A 177 -23.19 -2.76 10.54
CA TYR A 177 -21.97 -3.38 11.05
C TYR A 177 -21.82 -3.11 12.55
N VAL A 178 -20.95 -3.87 13.21
CA VAL A 178 -20.75 -3.65 14.64
C VAL A 178 -19.75 -2.54 14.90
N ASP A 179 -18.84 -2.29 13.96
CA ASP A 179 -17.89 -1.19 14.04
C ASP A 179 -17.21 -1.02 12.68
N ALA A 180 -16.37 0.01 12.56
CA ALA A 180 -15.77 0.32 11.26
C ALA A 180 -14.84 -0.79 10.77
N GLY A 181 -14.19 -1.52 11.69
CA GLY A 181 -13.31 -2.59 11.27
C GLY A 181 -14.07 -3.74 10.66
N ASP A 182 -15.21 -4.10 11.27
CA ASP A 182 -16.15 -5.04 10.67
C ASP A 182 -16.54 -4.61 9.25
N SER A 183 -16.93 -3.34 9.08
N SER A 183 -16.89 -3.33 9.07
CA SER A 183 -17.27 -2.85 7.75
CA SER A 183 -17.28 -2.86 7.75
C SER A 183 -16.11 -3.04 6.79
C SER A 183 -16.12 -2.94 6.75
N TRP A 184 -14.90 -2.66 7.20
CA TRP A 184 -13.74 -2.76 6.30
C TRP A 184 -13.45 -4.21 5.94
N ARG A 185 -13.48 -5.11 6.92
CA ARG A 185 -13.20 -6.51 6.62
C ARG A 185 -14.24 -7.09 5.66
N SER A 186 -15.48 -6.60 5.71
CA SER A 186 -16.52 -7.14 4.85
C SER A 186 -16.25 -6.92 3.36
N MET A 187 -15.36 -5.98 3.01
CA MET A 187 -15.03 -5.78 1.61
C MET A 187 -14.46 -7.03 0.95
N TYR A 188 -13.97 -7.99 1.74
CA TYR A 188 -13.41 -9.24 1.23
C TYR A 188 -14.44 -10.35 1.10
N GLU A 189 -15.63 -10.16 1.65
CA GLU A 189 -16.72 -11.13 1.56
C GLU A 189 -16.25 -12.53 1.95
N THR A 190 -15.44 -12.59 3.00
CA THR A 190 -14.75 -13.82 3.40
C THR A 190 -14.88 -14.01 4.91
N PRO A 191 -15.86 -14.81 5.36
CA PRO A 191 -16.08 -14.99 6.81
C PRO A 191 -14.84 -15.44 7.57
N SER A 192 -14.00 -16.27 6.97
CA SER A 192 -12.81 -16.77 7.64
C SER A 192 -11.59 -15.84 7.49
N LEU A 193 -11.79 -14.57 7.11
CA LEU A 193 -10.67 -13.71 6.74
C LEU A 193 -9.58 -13.65 7.82
N GLU A 194 -9.95 -13.41 9.09
CA GLU A 194 -8.90 -13.20 10.09
C GLU A 194 -8.07 -14.46 10.27
N GLN A 195 -8.71 -15.63 10.28
CA GLN A 195 -7.96 -16.86 10.43
C GLN A 195 -7.11 -17.15 9.20
N ASP A 196 -7.65 -16.90 8.00
CA ASP A 196 -6.86 -17.09 6.79
C ASP A 196 -5.62 -16.20 6.79
N LEU A 197 -5.80 -14.93 7.13
CA LEU A 197 -4.65 -14.02 7.15
C LEU A 197 -3.63 -14.44 8.20
N GLU A 198 -4.09 -14.85 9.38
CA GLU A 198 -3.17 -15.32 10.42
C GLU A 198 -2.38 -16.54 9.96
N ARG A 199 -3.03 -17.45 9.24
CA ARG A 199 -2.32 -18.62 8.73
C ARG A 199 -1.22 -18.21 7.75
N LEU A 200 -1.54 -17.27 6.85
CA LEU A 200 -0.54 -16.80 5.89
C LEU A 200 0.63 -16.14 6.59
N PHE A 201 0.34 -15.30 7.60
CA PHE A 201 1.42 -14.66 8.33
C PHE A 201 2.34 -15.71 8.96
N GLN A 202 1.77 -16.75 9.57
CA GLN A 202 2.59 -17.78 10.21
C GLN A 202 3.46 -18.51 9.20
N GLU A 203 2.96 -18.76 7.98
CA GLU A 203 3.76 -19.46 6.99
C GLU A 203 5.00 -18.66 6.59
N LEU A 204 4.93 -17.33 6.67
CA LEU A 204 6.02 -16.46 6.26
C LEU A 204 6.98 -16.14 7.40
N GLN A 205 6.69 -16.62 8.61
CA GLN A 205 7.53 -16.28 9.77
C GLN A 205 8.95 -16.81 9.66
N PRO A 206 9.19 -18.06 9.28
CA PRO A 206 10.58 -18.54 9.14
C PRO A 206 11.43 -17.65 8.26
N LEU A 207 10.88 -17.22 7.13
CA LEU A 207 11.62 -16.34 6.25
C LEU A 207 11.86 -14.99 6.91
N TYR A 208 10.83 -14.41 7.55
CA TYR A 208 11.03 -13.09 8.14
C TYR A 208 12.01 -13.16 9.30
N LEU A 209 11.90 -14.16 10.18
CA LEU A 209 12.82 -14.20 11.31
C LEU A 209 14.28 -14.35 10.85
N ASN A 210 14.52 -15.14 9.80
CA ASN A 210 15.90 -15.28 9.33
C ASN A 210 16.39 -13.99 8.70
N LEU A 211 15.54 -13.29 7.94
CA LEU A 211 15.94 -12.02 7.39
C LEU A 211 16.25 -11.03 8.50
N HIS A 212 15.34 -10.94 9.48
CA HIS A 212 15.49 -10.04 10.61
C HIS A 212 16.81 -10.29 11.33
N ALA A 213 17.14 -11.55 11.58
CA ALA A 213 18.37 -11.84 12.32
C ALA A 213 19.61 -11.47 11.52
N TYR A 214 19.57 -11.69 10.20
CA TYR A 214 20.72 -11.38 9.35
C TYR A 214 20.94 -9.86 9.25
N VAL A 215 19.85 -9.10 9.09
CA VAL A 215 19.94 -7.65 9.04
C VAL A 215 20.42 -7.10 10.38
N ARG A 216 19.91 -7.65 11.49
CA ARG A 216 20.33 -7.18 12.81
C ARG A 216 21.84 -7.36 12.99
N ARG A 217 22.39 -8.50 12.54
CA ARG A 217 23.83 -8.72 12.62
C ARG A 217 24.59 -7.68 11.80
N ALA A 218 24.09 -7.38 10.59
CA ALA A 218 24.71 -6.38 9.73
C ALA A 218 24.64 -4.98 10.36
N LEU A 219 23.55 -4.65 11.02
CA LEU A 219 23.47 -3.35 11.69
C LEU A 219 24.44 -3.29 12.86
N HIS A 220 24.58 -4.40 13.59
CA HIS A 220 25.55 -4.50 14.67
C HIS A 220 26.96 -4.21 14.16
N ARG A 221 27.29 -4.71 12.96
CA ARG A 221 28.59 -4.45 12.35
C ARG A 221 28.80 -2.97 12.09
N HIS A 222 27.77 -2.26 11.62
CA HIS A 222 27.96 -0.86 11.23
C HIS A 222 27.75 0.12 12.37
N TYR A 223 26.73 -0.09 13.20
CA TYR A 223 26.37 0.90 14.20
C TYR A 223 26.96 0.62 15.57
N GLY A 224 27.55 -0.54 15.79
CA GLY A 224 28.26 -0.80 17.04
C GLY A 224 27.52 -1.72 17.99
N ALA A 225 28.29 -2.53 18.70
CA ALA A 225 27.72 -3.44 19.69
C ALA A 225 26.96 -2.73 20.80
N GLN A 226 27.36 -1.51 21.15
CA GLN A 226 26.65 -0.74 22.18
C GLN A 226 25.26 -0.30 21.73
N HIS A 227 24.94 -0.40 20.45
CA HIS A 227 23.67 0.09 19.94
C HIS A 227 22.77 -0.98 19.33
N ILE A 228 23.22 -2.22 19.21
CA ILE A 228 22.42 -3.30 18.64
C ILE A 228 22.52 -4.48 19.58
N ASN A 229 21.39 -4.97 20.06
CA ASN A 229 21.34 -6.17 20.88
C ASN A 229 21.05 -7.35 19.95
N LEU A 230 22.03 -8.24 19.80
CA LEU A 230 21.90 -9.37 18.88
C LEU A 230 20.82 -10.37 19.29
N GLU A 231 20.22 -10.22 20.47
CA GLU A 231 19.08 -11.04 20.86
C GLU A 231 17.82 -10.22 21.08
N GLY A 232 17.82 -8.96 20.69
CA GLY A 232 16.69 -8.08 20.93
C GLY A 232 16.09 -7.51 19.66
N PRO A 233 15.07 -6.68 19.82
CA PRO A 233 14.48 -6.01 18.67
C PRO A 233 15.42 -4.99 18.06
N ILE A 234 15.19 -4.68 16.78
CA ILE A 234 16.00 -3.71 16.04
C ILE A 234 15.47 -2.30 16.26
N PRO A 235 16.33 -1.30 16.50
CA PRO A 235 15.84 0.09 16.59
C PRO A 235 15.23 0.55 15.28
N ALA A 236 14.03 1.13 15.39
CA ALA A 236 13.15 1.33 14.24
C ALA A 236 13.60 2.40 13.25
N HIS A 237 14.64 3.18 13.54
CA HIS A 237 15.08 4.24 12.62
C HIS A 237 16.22 3.82 11.69
N LEU A 238 16.66 2.56 11.74
CA LEU A 238 17.88 2.14 11.04
C LEU A 238 17.65 1.35 9.77
N LEU A 239 16.42 1.29 9.26
CA LEU A 239 16.08 0.38 8.18
C LEU A 239 15.90 1.08 6.84
N GLY A 240 16.27 2.36 6.74
CA GLY A 240 16.28 3.07 5.47
C GLY A 240 14.96 3.67 5.06
N ASN A 241 13.95 3.64 5.93
CA ASN A 241 12.58 3.98 5.59
C ASN A 241 11.95 4.54 6.86
N MET A 242 11.14 5.59 6.70
CA MET A 242 10.61 6.31 7.87
C MET A 242 9.81 5.39 8.79
N TRP A 243 9.17 4.35 8.24
CA TRP A 243 8.34 3.44 9.04
C TRP A 243 8.95 2.06 9.17
N ALA A 244 10.18 1.87 8.70
CA ALA A 244 10.81 0.55 8.68
C ALA A 244 9.87 -0.50 8.06
N GLN A 245 9.07 -0.09 7.07
CA GLN A 245 8.15 -1.01 6.43
C GLN A 245 8.79 -1.77 5.27
N THR A 246 9.74 -1.15 4.60
CA THR A 246 10.57 -1.79 3.57
C THR A 246 12.01 -1.40 3.87
N TRP A 247 12.95 -2.33 3.66
CA TRP A 247 14.31 -2.17 4.14
C TRP A 247 15.34 -2.07 3.03
N SER A 248 14.94 -1.99 1.77
CA SER A 248 15.92 -2.15 0.70
C SER A 248 16.90 -0.98 0.61
N ASN A 249 16.60 0.18 1.21
CA ASN A 249 17.58 1.25 1.14
C ASN A 249 18.83 1.00 1.98
N ILE A 250 18.84 0.00 2.85
CA ILE A 250 20.08 -0.38 3.56
C ILE A 250 20.73 -1.60 2.92
N TYR A 251 20.40 -1.88 1.65
CA TYR A 251 21.09 -2.93 0.92
C TYR A 251 22.62 -2.82 1.04
N ASP A 252 23.14 -1.58 1.03
CA ASP A 252 24.59 -1.35 1.07
C ASP A 252 25.24 -1.91 2.34
N LEU A 253 24.50 -1.93 3.46
CA LEU A 253 25.01 -2.46 4.72
C LEU A 253 24.84 -3.97 4.86
N VAL A 254 24.01 -4.61 4.03
CA VAL A 254 23.67 -6.01 4.26
C VAL A 254 24.00 -6.89 3.06
N VAL A 255 24.56 -6.32 1.98
CA VAL A 255 24.88 -7.06 0.76
C VAL A 255 25.51 -8.40 1.10
N PRO A 256 24.92 -9.53 0.72
CA PRO A 256 25.57 -10.81 1.00
C PRO A 256 26.94 -10.96 0.37
N PHE A 257 27.14 -10.45 -0.85
CA PHE A 257 28.40 -10.63 -1.58
C PHE A 257 28.84 -9.28 -2.12
N PRO A 258 29.53 -8.48 -1.28
CA PRO A 258 30.02 -7.18 -1.76
C PRO A 258 31.01 -7.31 -2.90
N SER A 259 31.64 -8.48 -3.07
CA SER A 259 32.51 -8.71 -4.23
C SER A 259 31.73 -8.76 -5.54
N ALA A 260 30.41 -8.83 -5.49
CA ALA A 260 29.56 -8.83 -6.66
C ALA A 260 28.75 -7.54 -6.67
N PRO A 261 29.38 -6.41 -6.99
CA PRO A 261 28.71 -5.12 -6.84
C PRO A 261 27.67 -4.87 -7.93
N SER A 262 26.71 -4.01 -7.60
CA SER A 262 25.68 -3.58 -8.54
C SER A 262 25.89 -2.10 -8.89
N MET A 263 25.58 -1.76 -10.13
CA MET A 263 25.62 -0.38 -10.57
C MET A 263 24.72 0.49 -9.71
N ASP A 264 25.16 1.73 -9.46
CA ASP A 264 24.35 2.71 -8.74
C ASP A 264 23.18 3.10 -9.63
N THR A 265 21.99 2.58 -9.32
CA THR A 265 20.85 2.72 -10.22
C THR A 265 20.35 4.15 -10.26
N THR A 266 20.46 4.91 -9.16
CA THR A 266 20.03 6.31 -9.20
C THR A 266 20.97 7.15 -10.07
N GLU A 267 22.29 7.00 -9.85
CA GLU A 267 23.26 7.67 -10.72
C GLU A 267 23.01 7.32 -12.19
N ALA A 268 22.71 6.06 -12.48
CA ALA A 268 22.51 5.66 -13.87
C ALA A 268 21.28 6.32 -14.48
N MET A 269 20.17 6.39 -13.74
CA MET A 269 18.97 7.03 -14.28
C MET A 269 19.22 8.52 -14.54
N LEU A 270 19.84 9.19 -13.57
CA LEU A 270 20.11 10.61 -13.73
C LEU A 270 21.08 10.85 -14.88
N LYS A 271 22.22 10.16 -14.87
CA LYS A 271 23.20 10.32 -15.94
C LYS A 271 22.60 10.10 -17.31
N GLN A 272 21.65 9.17 -17.42
CA GLN A 272 21.04 8.88 -18.72
C GLN A 272 19.79 9.72 -18.98
N GLY A 273 19.50 10.70 -18.14
CA GLY A 273 18.42 11.62 -18.43
C GLY A 273 17.03 11.08 -18.27
N TRP A 274 16.84 10.06 -17.43
CA TRP A 274 15.48 9.65 -17.08
C TRP A 274 14.76 10.82 -16.42
N THR A 275 13.46 10.89 -16.66
CA THR A 275 12.55 11.85 -16.06
C THR A 275 11.29 11.14 -15.59
N PRO A 276 10.51 11.75 -14.71
CA PRO A 276 9.24 11.14 -14.31
C PRO A 276 8.40 10.70 -15.49
N ARG A 277 8.34 11.50 -16.55
CA ARG A 277 7.52 11.14 -17.70
C ARG A 277 8.03 9.88 -18.37
N ARG A 278 9.36 9.74 -18.49
CA ARG A 278 9.93 8.51 -19.03
C ARG A 278 9.56 7.32 -18.17
N MET A 279 9.56 7.51 -16.84
CA MET A 279 9.28 6.40 -15.93
C MET A 279 7.88 5.83 -16.18
N PHE A 280 6.88 6.70 -16.33
CA PHE A 280 5.53 6.21 -16.59
C PHE A 280 5.38 5.69 -18.01
N LYS A 281 6.15 6.22 -18.97
CA LYS A 281 6.11 5.69 -20.33
C LYS A 281 6.63 4.25 -20.39
N GLU A 282 7.67 3.93 -19.62
CA GLU A 282 8.16 2.56 -19.58
C GLU A 282 7.11 1.62 -18.97
N ALA A 283 6.44 2.07 -17.92
CA ALA A 283 5.32 1.29 -17.36
C ALA A 283 4.22 1.06 -18.39
N ASP A 284 3.81 2.12 -19.07
CA ASP A 284 2.81 1.98 -20.13
C ASP A 284 3.24 0.94 -21.16
N ASP A 285 4.52 0.95 -21.54
CA ASP A 285 5.01 -0.01 -22.53
C ASP A 285 4.93 -1.45 -22.01
N PHE A 286 5.22 -1.65 -20.72
CA PHE A 286 5.13 -3.02 -20.19
C PHE A 286 3.70 -3.52 -20.27
N PHE A 287 2.74 -2.70 -19.85
CA PHE A 287 1.35 -3.12 -19.93
C PHE A 287 0.95 -3.47 -21.36
N THR A 288 1.26 -2.60 -22.33
CA THR A 288 0.84 -2.89 -23.70
C THR A 288 1.62 -4.04 -24.30
N SER A 289 2.84 -4.29 -23.82
CA SER A 289 3.57 -5.47 -24.31
C SER A 289 2.81 -6.75 -23.98
N LEU A 290 2.03 -6.75 -22.91
CA LEU A 290 1.23 -7.92 -22.56
C LEU A 290 -0.09 -8.02 -23.33
N GLY A 291 -0.38 -7.04 -24.19
CA GLY A 291 -1.68 -6.98 -24.81
C GLY A 291 -2.72 -6.23 -24.01
N LEU A 292 -2.34 -5.64 -22.87
CA LEU A 292 -3.24 -4.84 -22.06
C LEU A 292 -3.36 -3.44 -22.68
N LEU A 293 -4.17 -2.56 -22.02
CA LEU A 293 -4.54 -1.31 -22.66
C LEU A 293 -3.53 -0.22 -22.38
N PRO A 294 -3.33 0.70 -23.33
CA PRO A 294 -2.53 1.90 -23.06
C PRO A 294 -3.36 2.96 -22.39
N VAL A 295 -2.69 3.84 -21.65
CA VAL A 295 -3.40 4.94 -21.00
C VAL A 295 -3.80 5.91 -22.11
N PRO A 296 -4.94 6.60 -21.99
CA PRO A 296 -5.37 7.50 -23.07
C PRO A 296 -4.52 8.75 -23.13
N PRO A 297 -4.52 9.46 -24.26
CA PRO A 297 -3.81 10.75 -24.34
C PRO A 297 -4.12 11.70 -23.20
N GLU A 298 -5.37 11.72 -22.76
CA GLU A 298 -5.80 12.63 -21.70
C GLU A 298 -4.98 12.43 -20.44
N PHE A 299 -4.61 11.18 -20.15
CA PHE A 299 -3.78 10.86 -18.99
C PHE A 299 -2.52 11.73 -18.95
N TRP A 300 -1.84 11.84 -20.10
CA TRP A 300 -0.56 12.55 -20.14
C TRP A 300 -0.72 14.05 -19.93
N GLN A 301 -1.89 14.60 -20.27
CA GLN A 301 -2.13 16.03 -20.16
C GLN A 301 -2.53 16.45 -18.75
N LYS A 302 -3.28 15.60 -18.04
CA LYS A 302 -3.90 16.00 -16.79
C LYS A 302 -3.21 15.41 -15.56
N SER A 303 -2.28 14.48 -15.72
CA SER A 303 -1.62 13.91 -14.56
C SER A 303 -0.58 14.87 -14.01
N MET A 304 -0.37 14.80 -12.70
CA MET A 304 0.68 15.54 -12.01
C MET A 304 1.74 14.50 -11.61
N LEU A 305 2.80 14.42 -12.42
CA LEU A 305 3.81 13.39 -12.28
C LEU A 305 5.07 13.85 -11.54
N GLU A 306 5.07 15.07 -11.01
CA GLU A 306 6.19 15.54 -10.18
C GLU A 306 5.75 16.76 -9.39
N LYS A 307 6.42 16.96 -8.26
CA LYS A 307 6.14 18.06 -7.34
C LYS A 307 6.11 19.38 -8.10
N PRO A 308 4.98 20.11 -8.11
CA PRO A 308 4.97 21.43 -8.75
C PRO A 308 5.97 22.38 -8.10
N THR A 309 6.39 23.38 -8.87
CA THR A 309 7.38 24.35 -8.41
C THR A 309 6.82 25.77 -8.35
N ASP A 310 5.52 25.97 -8.57
CA ASP A 310 4.92 27.29 -8.58
C ASP A 310 4.38 27.72 -7.22
N GLY A 311 4.89 27.13 -6.13
CA GLY A 311 4.47 27.49 -4.80
C GLY A 311 3.27 26.70 -4.26
N ARG A 312 2.60 25.92 -5.11
CA ARG A 312 1.48 25.11 -4.64
C ARG A 312 1.92 24.18 -3.52
N GLU A 313 1.12 24.14 -2.45
CA GLU A 313 1.16 23.00 -1.54
C GLU A 313 0.28 21.88 -2.12
N VAL A 314 0.82 20.66 -2.17
CA VAL A 314 0.09 19.52 -2.70
C VAL A 314 0.21 18.36 -1.72
N VAL A 315 -0.69 17.40 -1.86
CA VAL A 315 -0.55 16.09 -1.23
C VAL A 315 0.42 15.31 -2.10
N CYS A 316 1.64 15.08 -1.59
CA CYS A 316 2.65 14.44 -2.42
C CYS A 316 2.51 12.93 -2.47
N HIS A 317 1.84 12.31 -1.50
CA HIS A 317 1.66 10.86 -1.50
C HIS A 317 1.07 10.42 -2.83
N ALA A 318 1.69 9.45 -3.47
CA ALA A 318 1.24 9.00 -4.80
C ALA A 318 -0.18 8.46 -4.74
N SER A 319 -0.90 8.60 -5.85
CA SER A 319 -2.26 8.07 -5.96
C SER A 319 -2.69 8.03 -7.43
N ALA A 320 -3.63 7.12 -7.71
CA ALA A 320 -4.20 6.93 -9.05
C ALA A 320 -5.70 7.19 -8.99
N TRP A 321 -6.23 7.84 -10.04
CA TRP A 321 -7.55 8.46 -9.98
C TRP A 321 -8.44 7.97 -11.12
N ASP A 322 -9.62 7.49 -10.77
CA ASP A 322 -10.70 7.17 -11.70
C ASP A 322 -11.78 8.24 -11.60
N PHE A 323 -12.09 8.91 -12.71
CA PHE A 323 -13.06 9.99 -12.69
C PHE A 323 -14.44 9.53 -13.11
N TYR A 324 -14.60 8.23 -13.33
CA TYR A 324 -15.91 7.58 -13.45
C TYR A 324 -16.70 8.06 -14.66
N ASN A 325 -16.00 8.39 -15.75
CA ASN A 325 -16.65 8.60 -17.03
C ASN A 325 -16.07 7.72 -18.12
N GLY A 326 -15.25 6.72 -17.76
CA GLY A 326 -14.69 5.79 -18.71
C GLY A 326 -13.59 6.33 -19.60
N LYS A 327 -13.11 7.54 -19.33
CA LYS A 327 -12.14 8.18 -20.21
C LYS A 327 -11.07 9.01 -19.50
N ASP A 328 -11.33 9.54 -18.31
CA ASP A 328 -10.39 10.41 -17.60
C ASP A 328 -9.77 9.61 -16.45
N PHE A 329 -8.49 9.25 -16.60
CA PHE A 329 -7.72 8.55 -15.57
C PHE A 329 -6.41 9.30 -15.34
N ARG A 330 -6.00 9.42 -14.09
CA ARG A 330 -4.86 10.28 -13.77
C ARG A 330 -4.04 9.70 -12.63
N ILE A 331 -2.77 10.08 -12.62
CA ILE A 331 -1.86 9.81 -11.52
C ILE A 331 -1.37 11.14 -10.95
N LYS A 332 -1.20 11.15 -9.63
CA LYS A 332 -0.65 12.27 -8.89
C LYS A 332 0.46 11.71 -8.02
N GLN A 333 1.71 12.07 -8.34
CA GLN A 333 2.88 11.55 -7.66
C GLN A 333 3.98 12.60 -7.68
N CYS A 334 4.61 12.86 -6.54
CA CYS A 334 5.78 13.74 -6.48
C CYS A 334 7.03 12.88 -6.78
N THR A 335 7.15 12.53 -8.05
CA THR A 335 8.07 11.50 -8.49
C THR A 335 9.50 11.95 -8.30
N THR A 336 10.30 11.07 -7.69
CA THR A 336 11.75 11.22 -7.65
C THR A 336 12.36 10.26 -8.65
N VAL A 337 13.44 10.68 -9.31
CA VAL A 337 14.08 9.83 -10.32
C VAL A 337 14.98 8.84 -9.60
N ASN A 338 14.44 7.66 -9.33
CA ASN A 338 15.22 6.58 -8.74
C ASN A 338 14.44 5.29 -8.98
N LEU A 339 15.09 4.17 -8.67
CA LEU A 339 14.50 2.87 -8.92
C LEU A 339 13.25 2.64 -8.07
N GLU A 340 13.28 3.07 -6.80
CA GLU A 340 12.10 2.90 -5.94
C GLU A 340 10.87 3.53 -6.58
N ASP A 341 11.00 4.75 -7.09
CA ASP A 341 9.85 5.42 -7.71
C ASP A 341 9.48 4.82 -9.06
N LEU A 342 10.41 4.17 -9.75
CA LEU A 342 10.04 3.44 -10.97
C LEU A 342 9.10 2.28 -10.64
N VAL A 343 9.38 1.56 -9.57
CA VAL A 343 8.48 0.51 -9.10
C VAL A 343 7.13 1.11 -8.70
N VAL A 344 7.15 2.22 -7.97
CA VAL A 344 5.90 2.87 -7.59
C VAL A 344 5.11 3.27 -8.83
N ALA A 345 5.77 3.77 -9.86
CA ALA A 345 5.06 4.15 -11.08
C ALA A 345 4.36 2.96 -11.73
N HIS A 346 4.98 1.78 -11.68
CA HIS A 346 4.33 0.59 -12.20
C HIS A 346 3.13 0.22 -11.33
N HIS A 347 3.29 0.32 -10.01
CA HIS A 347 2.18 0.07 -9.10
C HIS A 347 0.98 0.95 -9.45
N GLU A 348 1.20 2.27 -9.54
CA GLU A 348 0.11 3.20 -9.86
C GLU A 348 -0.49 2.92 -11.23
N MET A 349 0.36 2.62 -12.21
CA MET A 349 -0.16 2.29 -13.53
C MET A 349 -0.99 1.02 -13.51
N GLY A 350 -0.74 0.13 -12.54
CA GLY A 350 -1.61 -1.02 -12.37
C GLY A 350 -3.01 -0.66 -11.92
N HIS A 351 -3.14 0.35 -11.06
CA HIS A 351 -4.48 0.85 -10.73
C HIS A 351 -5.17 1.42 -11.97
N ILE A 352 -4.46 2.21 -12.77
CA ILE A 352 -5.04 2.75 -13.99
C ILE A 352 -5.53 1.63 -14.90
N GLN A 353 -4.74 0.56 -15.02
CA GLN A 353 -5.11 -0.54 -15.91
C GLN A 353 -6.42 -1.19 -15.47
N TYR A 354 -6.54 -1.42 -14.16
CA TYR A 354 -7.78 -1.96 -13.61
C TYR A 354 -8.96 -1.03 -13.92
N PHE A 355 -8.80 0.27 -13.66
CA PHE A 355 -9.85 1.24 -13.98
C PHE A 355 -10.31 1.09 -15.43
N MET A 356 -9.36 0.99 -16.37
CA MET A 356 -9.71 0.89 -17.77
C MET A 356 -10.32 -0.46 -18.10
N GLN A 357 -9.92 -1.53 -17.40
CA GLN A 357 -10.43 -2.85 -17.74
C GLN A 357 -11.89 -3.03 -17.33
N TYR A 358 -12.32 -2.40 -16.22
CA TYR A 358 -13.70 -2.60 -15.77
C TYR A 358 -14.58 -1.38 -16.01
N LYS A 359 -14.18 -0.48 -16.92
CA LYS A 359 -14.91 0.77 -17.09
C LYS A 359 -16.29 0.57 -17.70
N ASP A 360 -16.57 -0.59 -18.30
CA ASP A 360 -17.88 -0.86 -18.89
C ASP A 360 -18.85 -1.48 -17.89
N LEU A 361 -18.43 -1.75 -16.67
CA LEU A 361 -19.33 -2.26 -15.66
C LEU A 361 -20.14 -1.11 -15.07
N PRO A 362 -21.28 -1.41 -14.46
CA PRO A 362 -21.95 -0.40 -13.62
C PRO A 362 -21.02 0.07 -12.51
N VAL A 363 -21.11 1.37 -12.19
CA VAL A 363 -20.11 1.98 -11.30
C VAL A 363 -20.10 1.27 -9.97
N ALA A 364 -21.23 0.72 -9.55
CA ALA A 364 -21.29 0.01 -8.26
C ALA A 364 -20.35 -1.18 -8.24
N LEU A 365 -20.01 -1.73 -9.40
CA LEU A 365 -19.14 -2.89 -9.50
C LEU A 365 -17.74 -2.53 -10.01
N ARG A 366 -17.43 -1.24 -10.12
CA ARG A 366 -16.11 -0.80 -10.58
C ARG A 366 -15.12 -0.76 -9.40
N GLU A 367 -14.76 -1.96 -8.94
CA GLU A 367 -13.73 -2.12 -7.91
C GLU A 367 -12.98 -3.41 -8.22
N GLY A 368 -11.88 -3.62 -7.51
CA GLY A 368 -11.18 -4.89 -7.63
C GLY A 368 -12.01 -6.03 -7.09
N ALA A 369 -11.68 -7.25 -7.54
CA ALA A 369 -12.34 -8.43 -6.99
C ALA A 369 -12.34 -8.39 -5.47
N ASN A 370 -11.23 -8.00 -4.87
CA ASN A 370 -11.19 -7.47 -3.51
C ASN A 370 -10.11 -6.39 -3.50
N PRO A 371 -9.99 -5.60 -2.44
CA PRO A 371 -8.98 -4.52 -2.47
C PRO A 371 -7.56 -5.00 -2.68
N GLY A 372 -7.21 -6.21 -2.21
CA GLY A 372 -5.88 -6.74 -2.47
C GLY A 372 -5.59 -6.95 -3.96
N PHE A 373 -6.60 -7.37 -4.73
CA PHE A 373 -6.43 -7.51 -6.18
C PHE A 373 -6.06 -6.18 -6.84
N HIS A 374 -6.74 -5.10 -6.47
CA HIS A 374 -6.42 -3.80 -7.03
C HIS A 374 -4.97 -3.44 -6.78
N GLU A 375 -4.44 -3.82 -5.62
CA GLU A 375 -3.09 -3.45 -5.27
C GLU A 375 -2.06 -4.36 -5.94
N ALA A 376 -2.46 -5.55 -6.38
CA ALA A 376 -1.48 -6.54 -6.82
C ALA A 376 -1.07 -6.36 -8.28
N ILE A 377 -1.93 -5.80 -9.13
CA ILE A 377 -1.70 -5.85 -10.58
C ILE A 377 -0.36 -5.21 -10.94
N GLY A 378 -0.14 -3.97 -10.50
CA GLY A 378 1.07 -3.27 -10.88
C GLY A 378 2.30 -3.90 -10.28
N ASP A 379 2.17 -4.43 -9.07
CA ASP A 379 3.27 -5.11 -8.38
C ASP A 379 3.68 -6.36 -9.13
N VAL A 380 2.73 -7.11 -9.68
CA VAL A 380 3.08 -8.26 -10.49
C VAL A 380 4.02 -7.86 -11.62
N LEU A 381 3.62 -6.88 -12.44
CA LEU A 381 4.50 -6.44 -13.53
C LEU A 381 5.85 -5.96 -12.98
N ALA A 382 5.83 -5.25 -11.84
CA ALA A 382 7.07 -4.73 -11.28
C ALA A 382 8.03 -5.83 -10.83
N LEU A 383 7.51 -7.01 -10.47
CA LEU A 383 8.39 -8.13 -10.17
C LEU A 383 9.26 -8.48 -11.38
N SER A 384 8.66 -8.50 -12.57
CA SER A 384 9.43 -8.77 -13.79
C SER A 384 10.36 -7.61 -14.13
N VAL A 385 9.90 -6.37 -14.01
CA VAL A 385 10.72 -5.20 -14.29
C VAL A 385 11.96 -5.19 -13.40
N SER A 386 11.85 -5.72 -12.18
CA SER A 386 12.90 -5.68 -11.16
C SER A 386 14.00 -6.70 -11.37
N THR A 387 13.82 -7.68 -12.26
CA THR A 387 14.82 -8.69 -12.43
C THR A 387 16.10 -8.07 -13.00
N PRO A 388 17.27 -8.57 -12.62
CA PRO A 388 18.52 -8.00 -13.14
C PRO A 388 18.55 -7.96 -14.66
N LYS A 389 18.01 -8.99 -15.33
CA LYS A 389 18.05 -8.99 -16.78
C LYS A 389 17.20 -7.87 -17.36
N HIS A 390 16.01 -7.61 -16.78
CA HIS A 390 15.23 -6.50 -17.29
C HIS A 390 15.88 -5.16 -16.98
N LEU A 391 16.39 -4.99 -15.77
CA LEU A 391 17.05 -3.73 -15.43
C LEU A 391 18.28 -3.51 -16.30
N HIS A 392 18.98 -4.60 -16.64
CA HIS A 392 20.11 -4.47 -17.56
C HIS A 392 19.66 -3.99 -18.93
N SER A 393 18.52 -4.50 -19.41
CA SER A 393 17.99 -4.07 -20.69
C SER A 393 17.53 -2.62 -20.67
N LEU A 394 17.26 -2.05 -19.50
CA LEU A 394 17.06 -0.62 -19.37
C LEU A 394 18.36 0.15 -19.14
N ASN A 395 19.49 -0.53 -19.09
CA ASN A 395 20.80 0.09 -18.89
C ASN A 395 20.97 0.66 -17.48
N LEU A 396 20.28 0.09 -16.50
CA LEU A 396 20.38 0.52 -15.11
C LEU A 396 21.18 -0.46 -14.26
N LEU A 397 21.50 -1.64 -14.80
CA LEU A 397 22.47 -2.52 -14.18
C LEU A 397 23.45 -2.96 -15.26
N SER A 398 24.62 -3.44 -14.82
CA SER A 398 25.47 -4.18 -15.72
C SER A 398 24.99 -5.62 -15.79
N SER A 399 25.61 -6.43 -16.63
CA SER A 399 25.23 -7.84 -16.71
C SER A 399 25.56 -8.54 -15.40
N GLU A 400 24.56 -9.21 -14.81
CA GLU A 400 24.73 -9.91 -13.54
C GLU A 400 24.38 -11.39 -13.64
N GLY A 401 24.12 -11.90 -14.84
CA GLY A 401 23.80 -13.29 -15.00
C GLY A 401 25.01 -14.19 -14.88
N GLY A 402 24.73 -15.48 -14.74
CA GLY A 402 25.79 -16.47 -14.60
C GLY A 402 26.64 -16.21 -13.38
N SER A 403 25.98 -16.06 -12.23
CA SER A 403 26.70 -15.70 -11.00
C SER A 403 25.77 -15.95 -9.82
N ASP A 404 26.09 -16.97 -9.03
CA ASP A 404 25.28 -17.26 -7.85
C ASP A 404 25.41 -16.16 -6.81
N GLU A 405 26.54 -15.45 -6.78
CA GLU A 405 26.70 -14.34 -5.86
C GLU A 405 25.72 -13.24 -6.20
N HIS A 406 25.68 -12.82 -7.47
CA HIS A 406 24.70 -11.83 -7.91
C HIS A 406 23.27 -12.32 -7.67
N ASP A 407 23.03 -13.62 -7.78
CA ASP A 407 21.68 -14.14 -7.65
C ASP A 407 21.17 -14.02 -6.21
N ILE A 408 22.03 -14.35 -5.23
CA ILE A 408 21.66 -14.21 -3.82
C ILE A 408 21.53 -12.73 -3.46
N ASN A 409 22.41 -11.89 -4.02
CA ASN A 409 22.31 -10.45 -3.78
C ASN A 409 20.96 -9.93 -4.26
N PHE A 410 20.50 -10.39 -5.43
CA PHE A 410 19.22 -9.94 -5.95
C PHE A 410 18.07 -10.43 -5.07
N LEU A 411 18.09 -11.69 -4.67
CA LEU A 411 17.03 -12.19 -3.81
C LEU A 411 16.98 -11.42 -2.49
N MET A 412 18.16 -11.06 -1.98
CA MET A 412 18.22 -10.25 -0.75
C MET A 412 17.59 -8.87 -0.96
N LYS A 413 17.95 -8.22 -2.06
CA LYS A 413 17.34 -6.93 -2.39
C LYS A 413 15.81 -7.03 -2.40
N MET A 414 15.27 -8.07 -3.04
CA MET A 414 13.82 -8.25 -3.11
C MET A 414 13.23 -8.54 -1.75
N ALA A 415 13.92 -9.36 -0.96
CA ALA A 415 13.42 -9.73 0.37
C ALA A 415 13.34 -8.51 1.28
N LEU A 416 14.33 -7.63 1.22
CA LEU A 416 14.32 -6.44 2.06
C LEU A 416 13.07 -5.60 1.83
N ASP A 417 12.48 -5.69 0.64
CA ASP A 417 11.21 -5.01 0.40
C ASP A 417 10.01 -5.94 0.66
N LYS A 418 9.97 -7.08 0.00
CA LYS A 418 8.76 -7.89 0.01
C LYS A 418 8.54 -8.63 1.33
N ILE A 419 9.60 -9.19 1.91
CA ILE A 419 9.43 -9.99 3.12
C ILE A 419 9.34 -9.07 4.34
N ALA A 420 10.21 -8.07 4.41
CA ALA A 420 10.17 -7.15 5.54
C ALA A 420 8.80 -6.50 5.68
N PHE A 421 8.12 -6.26 4.56
CA PHE A 421 6.82 -5.57 4.59
C PHE A 421 5.68 -6.44 5.12
N ILE A 422 5.83 -7.75 5.12
CA ILE A 422 4.73 -8.62 5.52
C ILE A 422 4.27 -8.33 6.94
N PRO A 423 5.13 -8.37 7.96
CA PRO A 423 4.62 -8.10 9.30
C PRO A 423 4.10 -6.67 9.45
N PHE A 424 4.73 -5.70 8.80
CA PHE A 424 4.24 -4.34 8.93
C PHE A 424 2.82 -4.22 8.42
N SER A 425 2.57 -4.76 7.24
CA SER A 425 1.27 -4.60 6.62
C SER A 425 0.21 -5.34 7.40
N TYR A 426 0.59 -6.42 8.06
CA TYR A 426 -0.32 -7.13 8.95
C TYR A 426 -0.66 -6.31 10.17
N LEU A 427 0.32 -5.62 10.76
CA LEU A 427 0.04 -5.05 12.06
C LEU A 427 -0.76 -3.76 11.98
N VAL A 428 -0.70 -3.00 10.87
CA VAL A 428 -1.39 -1.72 10.85
C VAL A 428 -2.88 -1.90 11.15
N ASP A 429 -3.53 -2.82 10.46
CA ASP A 429 -4.95 -2.98 10.70
C ASP A 429 -5.25 -3.95 11.84
N GLN A 430 -4.30 -4.78 12.29
CA GLN A 430 -4.50 -5.43 13.58
C GLN A 430 -4.67 -4.38 14.68
N TRP A 431 -3.88 -3.30 14.62
CA TRP A 431 -4.03 -2.17 15.54
C TRP A 431 -5.35 -1.45 15.31
N ARG A 432 -5.64 -1.08 14.06
CA ARG A 432 -6.84 -0.29 13.82
C ARG A 432 -8.12 -1.07 14.10
N TRP A 433 -8.14 -2.36 13.79
CA TRP A 433 -9.34 -3.16 14.06
C TRP A 433 -9.65 -3.17 15.54
N ARG A 434 -8.61 -3.21 16.38
CA ARG A 434 -8.81 -3.19 17.82
C ARG A 434 -9.10 -1.80 18.36
N VAL A 435 -8.64 -0.74 17.68
CA VAL A 435 -9.11 0.60 17.99
C VAL A 435 -10.60 0.71 17.68
N PHE A 436 -10.99 0.21 16.51
CA PHE A 436 -12.38 0.32 16.10
C PHE A 436 -13.32 -0.48 17.00
N ASP A 437 -12.92 -1.70 17.40
CA ASP A 437 -13.79 -2.51 18.24
C ASP A 437 -13.69 -2.17 19.72
N GLY A 438 -12.93 -1.13 20.08
CA GLY A 438 -12.84 -0.64 21.45
C GLY A 438 -11.88 -1.37 22.36
N SER A 439 -11.13 -2.35 21.84
CA SER A 439 -10.11 -3.06 22.62
C SER A 439 -8.94 -2.15 23.00
N ILE A 440 -8.61 -1.20 22.13
CA ILE A 440 -7.56 -0.21 22.37
C ILE A 440 -8.22 1.16 22.50
N THR A 441 -8.01 1.83 23.62
CA THR A 441 -8.55 3.16 23.83
C THR A 441 -7.47 4.21 23.60
N LYS A 442 -7.89 5.48 23.62
CA LYS A 442 -6.94 6.55 23.43
C LYS A 442 -5.89 6.60 24.53
N GLU A 443 -6.15 6.03 25.71
N GLU A 443 -6.19 6.03 25.71
CA GLU A 443 -5.10 6.03 26.72
CA GLU A 443 -5.18 5.90 26.77
C GLU A 443 -4.02 4.98 26.44
C GLU A 443 -3.98 5.12 26.27
N ASN A 444 -4.23 4.11 25.45
CA ASN A 444 -3.26 3.08 25.11
C ASN A 444 -2.93 3.02 23.63
N TYR A 445 -3.37 4.00 22.82
CA TYR A 445 -3.07 4.01 21.39
C TYR A 445 -1.63 3.61 21.11
N ASN A 446 -0.70 4.38 21.68
CA ASN A 446 0.70 4.31 21.29
C ASN A 446 1.36 3.09 21.88
N GLN A 447 1.00 2.75 23.13
CA GLN A 447 1.59 1.60 23.78
C GLN A 447 1.22 0.33 23.03
N GLU A 448 -0.02 0.24 22.56
CA GLU A 448 -0.44 -0.95 21.83
C GLU A 448 0.15 -0.99 20.43
N TRP A 449 0.40 0.16 19.84
CA TRP A 449 1.11 0.21 18.56
C TRP A 449 2.51 -0.40 18.72
N TRP A 450 3.25 0.02 19.75
CA TRP A 450 4.61 -0.48 19.92
C TRP A 450 4.64 -1.93 20.39
N SER A 451 3.59 -2.40 21.09
CA SER A 451 3.51 -3.82 21.42
C SER A 451 3.41 -4.66 20.15
N LEU A 452 2.67 -4.18 19.17
CA LEU A 452 2.56 -4.88 17.89
C LEU A 452 3.81 -4.73 17.02
N ARG A 453 4.41 -3.54 16.99
CA ARG A 453 5.69 -3.36 16.31
C ARG A 453 6.72 -4.35 16.83
N LEU A 454 6.69 -4.59 18.14
CA LEU A 454 7.57 -5.58 18.74
C LEU A 454 7.15 -6.99 18.37
N LYS A 455 5.87 -7.32 18.59
CA LYS A 455 5.42 -8.70 18.43
C LYS A 455 5.58 -9.18 16.99
N TYR A 456 5.22 -8.35 16.01
CA TYR A 456 5.21 -8.78 14.62
C TYR A 456 6.50 -8.45 13.87
N GLN A 457 7.01 -7.22 14.00
CA GLN A 457 8.23 -6.83 13.29
C GLN A 457 9.51 -6.99 14.09
N GLY A 458 9.43 -7.17 15.40
CA GLY A 458 10.64 -7.23 16.21
C GLY A 458 11.41 -5.93 16.16
N LEU A 459 10.71 -4.80 16.24
CA LEU A 459 11.30 -3.47 16.28
C LEU A 459 11.03 -2.81 17.63
N CYS A 460 11.92 -1.90 18.01
CA CYS A 460 11.71 -1.09 19.21
C CYS A 460 11.95 0.38 18.87
N PRO A 461 11.36 1.30 19.62
CA PRO A 461 11.59 2.74 19.34
C PRO A 461 12.97 3.15 19.81
N PRO A 462 13.69 3.99 19.05
CA PRO A 462 15.04 4.38 19.48
C PRO A 462 15.01 5.33 20.64
N VAL A 463 13.90 6.05 20.83
CA VAL A 463 13.70 6.98 21.93
C VAL A 463 12.44 6.57 22.65
N PRO A 464 12.46 6.42 23.98
CA PRO A 464 11.23 6.04 24.68
C PRO A 464 10.09 7.00 24.37
N ARG A 465 8.92 6.43 24.16
CA ARG A 465 7.75 7.23 23.84
C ARG A 465 7.20 7.85 25.11
N THR A 466 6.57 9.01 24.97
CA THR A 466 6.05 9.72 26.10
C THR A 466 4.56 9.99 25.89
N GLN A 467 3.88 10.32 26.98
CA GLN A 467 2.48 10.69 26.88
C GLN A 467 2.34 11.81 25.85
N GLY A 468 1.30 11.73 25.03
CA GLY A 468 1.10 12.67 23.96
C GLY A 468 1.63 12.22 22.62
N ASP A 469 2.49 11.20 22.60
CA ASP A 469 2.93 10.65 21.32
C ASP A 469 1.79 9.88 20.68
N PHE A 470 1.71 9.95 19.36
CA PHE A 470 0.75 9.19 18.59
C PHE A 470 1.43 8.80 17.27
N ASP A 471 2.33 7.83 17.37
CA ASP A 471 3.15 7.46 16.23
C ASP A 471 2.35 6.91 15.06
N PRO A 472 1.22 6.22 15.24
CA PRO A 472 0.41 5.85 14.06
C PRO A 472 0.00 7.03 13.23
N GLY A 473 -0.22 8.20 13.85
CA GLY A 473 -0.58 9.40 13.10
C GLY A 473 0.49 9.86 12.13
N ALA A 474 1.71 9.39 12.31
CA ALA A 474 2.83 9.75 11.45
C ALA A 474 2.92 8.88 10.21
N LYS A 475 1.96 7.98 10.01
CA LYS A 475 1.86 7.10 8.86
C LYS A 475 0.61 7.49 8.05
N PHE A 476 0.82 7.82 6.77
CA PHE A 476 -0.21 8.44 5.92
C PHE A 476 -1.61 7.84 6.04
N HIS A 477 -1.72 6.51 5.99
CA HIS A 477 -3.02 5.85 5.87
C HIS A 477 -3.87 6.00 7.11
N ILE A 478 -3.28 6.38 8.23
CA ILE A 478 -4.00 6.50 9.49
C ILE A 478 -4.82 7.80 9.44
N PRO A 479 -4.21 8.98 9.33
CA PRO A 479 -5.04 10.20 9.20
C PRO A 479 -5.85 10.27 7.93
N SER A 480 -5.46 9.57 6.87
CA SER A 480 -6.24 9.57 5.63
C SER A 480 -7.29 8.48 5.59
N SER A 481 -7.36 7.63 6.60
CA SER A 481 -8.44 6.65 6.73
C SER A 481 -8.50 5.73 5.51
N VAL A 482 -7.34 5.22 5.15
CA VAL A 482 -7.19 4.26 4.06
C VAL A 482 -6.92 2.89 4.68
N PRO A 483 -7.75 1.88 4.44
CA PRO A 483 -7.46 0.56 4.99
C PRO A 483 -6.15 0.01 4.46
N TYR A 484 -5.50 -0.82 5.27
CA TYR A 484 -4.14 -1.27 4.97
C TYR A 484 -4.01 -2.76 4.71
N ILE A 485 -4.95 -3.61 5.16
CA ILE A 485 -4.77 -5.06 4.96
C ILE A 485 -4.74 -5.42 3.48
N ARG A 486 -5.31 -4.58 2.61
CA ARG A 486 -5.15 -4.77 1.16
C ARG A 486 -3.69 -5.01 0.77
N TYR A 487 -2.75 -4.37 1.48
CA TYR A 487 -1.35 -4.46 1.06
C TYR A 487 -0.72 -5.77 1.52
N PHE A 488 -1.18 -6.32 2.66
CA PHE A 488 -0.74 -7.64 3.08
C PHE A 488 -1.23 -8.69 2.10
N VAL A 489 -2.51 -8.65 1.78
CA VAL A 489 -3.08 -9.57 0.79
C VAL A 489 -2.32 -9.44 -0.52
N SER A 490 -2.09 -8.20 -0.95
CA SER A 490 -1.43 -7.95 -2.24
C SER A 490 -0.04 -8.60 -2.27
N PHE A 491 0.71 -8.47 -1.19
CA PHE A 491 2.10 -8.92 -1.21
C PHE A 491 2.19 -10.43 -1.28
N ILE A 492 1.18 -11.13 -0.76
CA ILE A 492 1.13 -12.57 -0.90
C ILE A 492 0.62 -12.97 -2.28
N ILE A 493 -0.50 -12.40 -2.73
CA ILE A 493 -1.12 -12.90 -3.96
C ILE A 493 -0.36 -12.43 -5.19
N GLN A 494 0.43 -11.38 -5.10
CA GLN A 494 1.18 -10.96 -6.29
C GLN A 494 2.18 -12.04 -6.70
N PHE A 495 2.66 -12.83 -5.73
CA PHE A 495 3.57 -13.92 -6.08
C PHE A 495 2.82 -15.09 -6.71
N GLN A 496 1.62 -15.40 -6.21
CA GLN A 496 0.77 -16.38 -6.86
C GLN A 496 0.48 -16.00 -8.30
N PHE A 497 0.17 -14.71 -8.53
CA PHE A 497 -0.08 -14.27 -9.90
C PHE A 497 1.18 -14.40 -10.75
N HIS A 498 2.32 -13.99 -10.19
CA HIS A 498 3.61 -14.11 -10.90
C HIS A 498 3.89 -15.56 -11.27
N GLU A 499 3.77 -16.47 -10.30
CA GLU A 499 3.98 -17.89 -10.58
C GLU A 499 3.08 -18.39 -11.71
N ALA A 500 1.78 -18.05 -11.66
CA ALA A 500 0.87 -18.57 -12.66
C ALA A 500 1.14 -17.95 -14.03
N LEU A 501 1.42 -16.65 -14.07
CA LEU A 501 1.68 -15.98 -15.34
C LEU A 501 3.00 -16.45 -15.95
N CYS A 502 3.98 -16.79 -15.11
CA CYS A 502 5.23 -17.32 -15.63
C CYS A 502 5.04 -18.72 -16.21
N GLN A 503 4.25 -19.55 -15.53
CA GLN A 503 3.90 -20.86 -16.08
C GLN A 503 3.12 -20.72 -17.38
N ALA A 504 2.20 -19.76 -17.46
CA ALA A 504 1.45 -19.53 -18.69
C ALA A 504 2.33 -19.00 -19.81
N ALA A 505 3.41 -18.31 -19.45
CA ALA A 505 4.36 -17.79 -20.41
C ALA A 505 5.41 -18.81 -20.81
N GLY A 506 5.37 -20.01 -20.24
CA GLY A 506 6.30 -21.05 -20.59
C GLY A 506 7.66 -20.97 -19.92
N HIS A 507 7.78 -20.16 -18.87
N HIS A 507 7.80 -20.23 -18.83
CA HIS A 507 9.03 -20.06 -18.16
CA HIS A 507 9.11 -20.01 -18.26
C HIS A 507 9.33 -21.36 -17.43
C HIS A 507 9.44 -21.09 -17.23
N THR A 508 10.60 -21.72 -17.40
CA THR A 508 11.06 -22.83 -16.61
C THR A 508 12.23 -22.36 -15.75
N GLY A 509 12.55 -23.15 -14.73
CA GLY A 509 13.61 -22.79 -13.83
C GLY A 509 13.09 -21.92 -12.69
N PRO A 510 14.02 -21.39 -11.89
CA PRO A 510 13.61 -20.69 -10.66
C PRO A 510 12.66 -19.54 -10.93
N LEU A 511 11.65 -19.42 -10.08
CA LEU A 511 10.61 -18.42 -10.27
C LEU A 511 11.20 -17.01 -10.28
N HIS A 512 12.25 -16.75 -9.50
CA HIS A 512 12.75 -15.39 -9.41
C HIS A 512 13.49 -14.93 -10.66
N LYS A 513 13.78 -15.83 -11.60
CA LYS A 513 14.39 -15.43 -12.86
C LYS A 513 13.37 -15.14 -13.96
N CYS A 514 12.09 -15.26 -13.66
CA CYS A 514 11.07 -15.09 -14.69
C CYS A 514 10.80 -13.63 -14.95
N ASP A 515 10.62 -13.31 -16.23
CA ASP A 515 10.29 -11.97 -16.71
C ASP A 515 9.21 -12.14 -17.78
N ILE A 516 8.00 -11.64 -17.51
CA ILE A 516 6.86 -11.95 -18.37
C ILE A 516 6.69 -10.87 -19.44
N TYR A 517 7.68 -9.99 -19.58
CA TYR A 517 7.59 -8.95 -20.61
C TYR A 517 7.16 -9.57 -21.93
N GLN A 518 6.17 -8.95 -22.58
CA GLN A 518 5.64 -9.28 -23.90
C GLN A 518 4.84 -10.59 -23.96
N SER A 519 4.50 -11.21 -22.83
CA SER A 519 3.71 -12.44 -22.85
C SER A 519 2.23 -12.11 -23.05
N LYS A 520 1.68 -12.43 -24.22
CA LYS A 520 0.26 -12.17 -24.44
C LYS A 520 -0.62 -13.15 -23.67
N GLU A 521 -0.12 -14.35 -23.42
CA GLU A 521 -0.84 -15.31 -22.59
C GLU A 521 -0.95 -14.82 -21.15
N ALA A 522 0.09 -14.19 -20.63
CA ALA A 522 0.01 -13.61 -19.30
C ALA A 522 -1.00 -12.48 -19.27
N GLY A 523 -0.94 -11.57 -20.25
CA GLY A 523 -1.86 -10.45 -20.27
C GLY A 523 -3.31 -10.89 -20.35
N GLN A 524 -3.57 -11.97 -21.09
CA GLN A 524 -4.93 -12.42 -21.26
C GLN A 524 -5.51 -12.94 -19.94
N ARG A 525 -4.70 -13.61 -19.13
CA ARG A 525 -5.16 -14.05 -17.81
C ARG A 525 -5.56 -12.86 -16.95
N LEU A 526 -4.71 -11.86 -16.91
CA LEU A 526 -4.98 -10.69 -16.08
C LEU A 526 -6.20 -9.92 -16.58
N ALA A 527 -6.32 -9.79 -17.91
CA ALA A 527 -7.40 -8.98 -18.46
C ALA A 527 -8.76 -9.59 -18.15
N THR A 528 -8.88 -10.91 -18.26
CA THR A 528 -10.16 -11.54 -18.00
C THR A 528 -10.57 -11.41 -16.54
N ALA A 529 -9.59 -11.50 -15.62
CA ALA A 529 -9.86 -11.31 -14.21
C ALA A 529 -10.25 -9.87 -13.92
N MET A 530 -9.47 -8.91 -14.43
CA MET A 530 -9.75 -7.51 -14.15
C MET A 530 -11.10 -7.10 -14.70
N LYS A 531 -11.52 -7.68 -15.82
CA LYS A 531 -12.79 -7.28 -16.43
C LYS A 531 -13.99 -7.60 -15.56
N LEU A 532 -13.86 -8.59 -14.66
CA LEU A 532 -14.93 -8.95 -13.73
C LEU A 532 -15.22 -7.85 -12.72
N GLY A 533 -14.28 -6.94 -12.52
CA GLY A 533 -14.41 -5.96 -11.46
C GLY A 533 -14.85 -6.65 -10.18
N PHE A 534 -15.88 -6.09 -9.57
CA PHE A 534 -16.47 -6.61 -8.34
C PHE A 534 -17.77 -7.37 -8.60
N SER A 535 -17.95 -7.87 -9.83
CA SER A 535 -19.22 -8.52 -10.20
C SER A 535 -19.37 -9.91 -9.60
N ARG A 536 -18.29 -10.53 -9.13
CA ARG A 536 -18.28 -11.90 -8.64
C ARG A 536 -17.39 -12.01 -7.41
N PRO A 537 -17.68 -12.94 -6.50
CA PRO A 537 -16.77 -13.18 -5.36
C PRO A 537 -15.34 -13.37 -5.86
N TRP A 538 -14.37 -12.90 -5.08
CA TRP A 538 -13.01 -12.82 -5.59
C TRP A 538 -12.40 -14.20 -5.89
N PRO A 539 -12.85 -15.32 -5.30
CA PRO A 539 -12.20 -16.60 -5.66
C PRO A 539 -12.35 -16.98 -7.12
N GLU A 540 -13.36 -16.44 -7.81
CA GLU A 540 -13.46 -16.64 -9.26
C GLU A 540 -12.34 -15.92 -10.01
N ALA A 541 -12.05 -14.66 -9.64
CA ALA A 541 -10.91 -13.99 -10.26
C ALA A 541 -9.61 -14.71 -9.92
N MET A 542 -9.48 -15.18 -8.69
CA MET A 542 -8.29 -15.97 -8.34
C MET A 542 -8.17 -17.19 -9.25
N GLN A 543 -9.30 -17.85 -9.51
CA GLN A 543 -9.30 -19.04 -10.34
C GLN A 543 -8.90 -18.72 -11.78
N LEU A 544 -9.41 -17.61 -12.32
CA LEU A 544 -9.07 -17.23 -13.68
C LEU A 544 -7.58 -16.99 -13.84
N ILE A 545 -6.92 -16.44 -12.83
CA ILE A 545 -5.50 -16.15 -12.99
C ILE A 545 -4.65 -17.38 -12.71
N THR A 546 -4.96 -18.11 -11.63
CA THR A 546 -4.02 -19.12 -11.12
C THR A 546 -4.51 -20.55 -11.29
N GLY A 547 -5.74 -20.77 -11.75
CA GLY A 547 -6.26 -22.12 -11.84
C GLY A 547 -6.72 -22.73 -10.54
N GLN A 548 -6.74 -21.97 -9.45
CA GLN A 548 -7.24 -22.45 -8.16
C GLN A 548 -7.82 -21.26 -7.40
N PRO A 549 -8.64 -21.50 -6.38
CA PRO A 549 -9.44 -20.41 -5.77
C PRO A 549 -8.89 -19.77 -4.49
N GLN A 550 -7.78 -20.23 -3.96
CA GLN A 550 -7.28 -19.84 -2.63
C GLN A 550 -6.19 -18.77 -2.67
N MET A 551 -6.08 -18.03 -1.58
CA MET A 551 -4.84 -17.35 -1.24
C MET A 551 -3.87 -18.37 -0.65
N SER A 552 -2.59 -18.21 -0.96
CA SER A 552 -1.60 -19.19 -0.55
C SER A 552 -0.23 -18.52 -0.53
N ALA A 553 0.54 -18.78 0.53
CA ALA A 553 1.91 -18.29 0.61
C ALA A 553 2.90 -19.14 -0.19
N SER A 554 2.47 -20.26 -0.78
CA SER A 554 3.44 -21.18 -1.38
C SER A 554 4.25 -20.52 -2.50
N ALA A 555 3.61 -19.69 -3.32
CA ALA A 555 4.31 -19.03 -4.41
C ALA A 555 5.42 -18.11 -3.89
N MET A 556 5.10 -17.32 -2.85
CA MET A 556 6.12 -16.44 -2.28
C MET A 556 7.25 -17.25 -1.63
N LEU A 557 6.92 -18.34 -0.95
CA LEU A 557 7.96 -19.18 -0.36
C LEU A 557 8.80 -19.84 -1.45
N SER A 558 8.19 -20.18 -2.58
CA SER A 558 8.96 -20.78 -3.67
C SER A 558 9.90 -19.75 -4.28
N TYR A 559 9.41 -18.53 -4.53
CA TYR A 559 10.25 -17.47 -5.06
C TYR A 559 11.50 -17.30 -4.20
N PHE A 560 11.33 -17.28 -2.88
CA PHE A 560 12.45 -16.98 -1.98
C PHE A 560 13.17 -18.22 -1.44
N LYS A 561 12.79 -19.42 -1.87
CA LYS A 561 13.43 -20.64 -1.35
C LYS A 561 14.95 -20.59 -1.36
N PRO A 562 15.62 -20.22 -2.45
CA PRO A 562 17.10 -20.20 -2.41
C PRO A 562 17.66 -19.25 -1.37
N LEU A 563 16.93 -18.17 -1.08
CA LEU A 563 17.40 -17.21 -0.08
C LEU A 563 17.15 -17.74 1.31
N LEU A 564 16.03 -18.44 1.53
CA LEU A 564 15.80 -19.03 2.84
C LEU A 564 16.89 -20.03 3.15
N ASP A 565 17.27 -20.88 2.17
CA ASP A 565 18.34 -21.85 2.39
C ASP A 565 19.63 -21.13 2.77
N TRP A 566 19.96 -20.07 2.04
CA TRP A 566 21.21 -19.35 2.27
C TRP A 566 21.21 -18.65 3.62
N LEU A 567 20.09 -18.04 3.99
CA LEU A 567 19.99 -17.34 5.27
C LEU A 567 20.08 -18.30 6.44
N ARG A 568 19.47 -19.48 6.32
CA ARG A 568 19.54 -20.43 7.42
C ARG A 568 20.97 -20.88 7.66
N THR A 569 21.70 -21.16 6.58
CA THR A 569 23.11 -21.51 6.68
C THR A 569 23.94 -20.39 7.29
N GLU A 570 23.77 -19.17 6.78
CA GLU A 570 24.51 -18.01 7.30
C GLU A 570 24.17 -17.73 8.76
N ASN A 571 22.88 -17.74 9.12
CA ASN A 571 22.51 -17.43 10.50
C ASN A 571 23.01 -18.53 11.44
N GLU A 572 22.95 -19.78 11.00
N GLU A 572 22.97 -19.79 11.00
CA GLU A 572 23.42 -20.89 11.81
CA GLU A 572 23.43 -20.87 11.86
C GLU A 572 24.93 -20.78 12.05
C GLU A 572 24.94 -20.81 12.05
N LEU A 573 25.67 -20.50 10.98
CA LEU A 573 27.12 -20.33 11.05
C LEU A 573 27.52 -19.26 12.08
N HIS A 574 26.75 -18.19 12.16
CA HIS A 574 27.05 -17.09 13.06
C HIS A 574 26.40 -17.26 14.42
N GLY A 575 25.67 -18.34 14.64
CA GLY A 575 25.02 -18.54 15.92
C GLY A 575 23.93 -17.56 16.27
N GLU A 576 23.18 -17.07 15.28
CA GLU A 576 22.10 -16.13 15.61
C GLU A 576 21.02 -16.84 16.40
N LYS A 577 20.44 -16.12 17.33
CA LYS A 577 19.22 -16.52 18.02
C LYS A 577 18.06 -15.85 17.33
N LEU A 578 17.31 -16.61 16.54
CA LEU A 578 16.18 -16.07 15.80
C LEU A 578 15.16 -15.47 16.75
N GLY A 579 14.49 -14.41 16.28
CA GLY A 579 13.51 -13.76 17.08
C GLY A 579 14.15 -12.82 18.09
N TRP A 580 13.35 -12.45 19.08
CA TRP A 580 13.77 -11.44 20.05
C TRP A 580 13.32 -11.89 21.42
N PRO A 581 13.86 -13.03 21.90
CA PRO A 581 13.50 -13.48 23.25
C PRO A 581 13.73 -12.41 24.30
N GLN A 582 14.77 -11.59 24.14
CA GLN A 582 14.98 -10.42 24.97
C GLN A 582 14.13 -9.26 24.45
N TYR A 583 12.83 -9.52 24.39
CA TYR A 583 11.90 -8.60 23.74
C TYR A 583 11.74 -7.28 24.52
N ASN A 584 12.12 -7.26 25.80
CA ASN A 584 12.04 -6.04 26.61
C ASN A 584 13.19 -5.07 26.34
N TRP A 585 14.22 -5.48 25.60
CA TRP A 585 15.36 -4.61 25.37
C TRP A 585 14.94 -3.35 24.60
N THR A 586 15.54 -2.23 24.96
CA THR A 586 15.46 -1.00 24.18
C THR A 586 16.80 -0.30 24.28
N PRO A 587 17.10 0.60 23.34
CA PRO A 587 18.41 1.27 23.33
C PRO A 587 18.71 1.97 24.65
N ASN A 588 19.94 1.77 25.15
CA ASN A 588 20.38 2.48 26.34
C ASN A 588 20.73 3.93 26.05
N SER A 589 21.27 4.22 24.86
CA SER A 589 21.60 5.60 24.48
C SER A 589 21.42 5.83 22.96
#